data_2GEE
#
_entry.id   2GEE
#
_cell.length_a   43.407
_cell.length_b   55.288
_cell.length_c   74.903
_cell.angle_alpha   90.00
_cell.angle_beta   90.00
_cell.angle_gamma   90.00
#
_symmetry.space_group_name_H-M   'P 21 21 21'
#
loop_
_entity.id
_entity.type
_entity.pdbx_description
1 polymer 'hypothetical protein'
2 water water
#
_entity_poly.entity_id   1
_entity_poly.type   'polypeptide(L)'
_entity_poly.pdbx_seq_one_letter_code
;MGSSHHHHHHSSGLVPRGSHMEVPQPTDLSFVDITDSSIGLRWTPLNSSTIIGYRITVVAAGEGIPIFEDFVDSSVGYYT
VTGLEPGIDYDISVYTVKNGGESTPTTLTQQTAVPPPTDLRFTNIGPDTMRVTWAPPPSIDLTNFLVRYSPVKNEEDVAE
LSISPSDNAVVLTNLLPGTEYVVSVSSVYEQHESTPLRGRQKT
;
_entity_poly.pdbx_strand_id   A
#
# COMPACT_ATOMS: atom_id res chain seq x y z
N PRO A 16 34.53 -17.30 -17.95
CA PRO A 16 33.50 -17.55 -16.92
C PRO A 16 32.27 -18.30 -17.42
N ARG A 17 31.12 -17.63 -17.49
CA ARG A 17 29.93 -18.31 -17.96
C ARG A 17 30.14 -18.80 -19.40
N GLY A 18 31.16 -18.24 -20.05
CA GLY A 18 31.56 -18.61 -21.41
C GLY A 18 30.54 -18.92 -22.48
N SER A 19 30.31 -20.22 -22.72
CA SER A 19 29.37 -20.74 -23.72
C SER A 19 28.21 -19.78 -23.95
N HIS A 20 28.29 -18.91 -24.95
CA HIS A 20 27.16 -17.99 -25.04
C HIS A 20 26.38 -17.39 -26.19
N MET A 21 25.40 -16.68 -25.66
CA MET A 21 24.33 -15.89 -26.24
C MET A 21 23.86 -15.59 -24.82
N GLU A 22 24.19 -14.41 -24.30
CA GLU A 22 23.85 -14.08 -22.92
C GLU A 22 22.41 -14.42 -22.50
N VAL A 23 22.20 -14.50 -21.19
CA VAL A 23 20.87 -14.82 -20.66
C VAL A 23 20.15 -13.52 -20.30
N PRO A 24 19.28 -13.02 -21.21
CA PRO A 24 18.53 -11.79 -20.96
C PRO A 24 17.64 -11.87 -19.74
N GLN A 25 17.48 -10.75 -19.07
CA GLN A 25 16.62 -10.73 -17.91
C GLN A 25 15.23 -10.41 -18.40
N PRO A 26 14.24 -10.49 -17.49
CA PRO A 26 12.93 -10.16 -18.05
C PRO A 26 12.77 -8.64 -18.14
N THR A 27 11.57 -8.23 -18.53
CA THR A 27 11.29 -6.80 -18.61
C THR A 27 9.85 -6.53 -18.15
N ASP A 28 9.56 -5.26 -17.95
CA ASP A 28 8.23 -4.83 -17.51
C ASP A 28 7.82 -5.48 -16.20
N LEU A 29 8.65 -5.30 -15.18
CA LEU A 29 8.36 -5.84 -13.86
C LEU A 29 7.17 -5.08 -13.26
N SER A 30 6.12 -5.80 -12.84
CA SER A 30 4.96 -5.14 -12.27
C SER A 30 4.60 -5.70 -10.88
N PHE A 31 4.23 -4.81 -9.96
CA PHE A 31 3.84 -5.19 -8.59
C PHE A 31 2.50 -4.59 -8.16
N VAL A 32 1.60 -5.44 -7.70
CA VAL A 32 0.29 -4.99 -7.21
C VAL A 32 0.34 -5.36 -5.73
N ASP A 33 -0.33 -4.60 -4.87
CA ASP A 33 -0.27 -4.90 -3.43
C ASP A 33 -1.54 -5.00 -2.59
N ILE A 34 -1.65 -4.12 -1.60
CA ILE A 34 -2.77 -4.09 -0.65
C ILE A 34 -3.63 -5.36 -0.72
N THR A 35 -4.85 -5.22 -1.25
CA THR A 35 -5.80 -6.32 -1.40
C THR A 35 -5.81 -7.34 -0.25
N ASP A 36 -5.02 -7.06 0.79
CA ASP A 36 -4.87 -7.87 2.01
C ASP A 36 -3.52 -8.57 2.19
N SER A 37 -2.45 -7.78 2.22
CA SER A 37 -1.10 -8.29 2.43
C SER A 37 -0.49 -9.06 1.28
N SER A 38 -1.30 -9.37 0.26
CA SER A 38 -0.79 -10.14 -0.87
C SER A 38 -0.17 -9.31 -1.99
N ILE A 39 1.13 -9.49 -2.18
CA ILE A 39 1.84 -8.79 -3.24
C ILE A 39 1.92 -9.72 -4.42
N GLY A 40 1.50 -9.22 -5.58
CA GLY A 40 1.56 -10.01 -6.79
C GLY A 40 2.68 -9.44 -7.65
N LEU A 41 3.55 -10.31 -8.13
CA LEU A 41 4.64 -9.87 -8.97
C LEU A 41 4.49 -10.52 -10.35
N ARG A 42 4.48 -9.69 -11.39
CA ARG A 42 4.34 -10.16 -12.78
C ARG A 42 5.36 -9.48 -13.67
N TRP A 43 5.68 -10.12 -14.78
CA TRP A 43 6.68 -9.61 -15.71
C TRP A 43 6.48 -10.20 -17.10
N THR A 44 7.30 -9.76 -18.06
CA THR A 44 7.25 -10.28 -19.42
C THR A 44 8.44 -11.24 -19.63
N PRO A 45 8.20 -12.43 -20.22
CA PRO A 45 9.26 -13.43 -20.46
C PRO A 45 10.54 -12.90 -21.08
N LEU A 46 11.68 -13.46 -20.67
CA LEU A 46 12.98 -13.04 -21.20
C LEU A 46 13.11 -13.49 -22.64
N ASN A 47 14.18 -13.03 -23.29
CA ASN A 47 14.43 -13.39 -24.68
C ASN A 47 15.22 -14.69 -24.83
N SER A 48 16.17 -14.93 -23.94
CA SER A 48 16.99 -16.14 -24.02
C SER A 48 16.17 -17.39 -24.30
N SER A 49 16.45 -18.03 -25.42
CA SER A 49 15.75 -19.25 -25.82
C SER A 49 16.02 -20.41 -24.86
N THR A 50 15.03 -21.28 -24.69
CA THR A 50 15.11 -22.46 -23.83
C THR A 50 15.43 -22.17 -22.35
N ILE A 51 14.68 -21.25 -21.77
CA ILE A 51 14.82 -20.85 -20.37
C ILE A 51 14.34 -21.97 -19.41
N ILE A 52 14.87 -21.98 -18.18
CA ILE A 52 14.52 -22.98 -17.17
C ILE A 52 13.43 -22.47 -16.22
N GLY A 53 13.43 -21.16 -15.98
CA GLY A 53 12.44 -20.57 -15.10
C GLY A 53 12.87 -19.23 -14.57
N TYR A 54 12.20 -18.78 -13.51
CA TYR A 54 12.48 -17.49 -12.90
C TYR A 54 12.64 -17.60 -11.38
N ARG A 55 13.44 -16.70 -10.83
CA ARG A 55 13.67 -16.68 -9.40
C ARG A 55 13.37 -15.27 -8.93
N ILE A 56 12.55 -15.15 -7.90
CA ILE A 56 12.13 -13.86 -7.37
C ILE A 56 12.38 -13.73 -5.90
N THR A 57 12.94 -12.60 -5.51
CA THR A 57 13.21 -12.32 -4.12
C THR A 57 12.49 -11.03 -3.76
N VAL A 58 12.03 -10.96 -2.52
CA VAL A 58 11.35 -9.79 -2.00
C VAL A 58 12.08 -9.54 -0.69
N VAL A 59 12.55 -8.33 -0.50
CA VAL A 59 13.31 -8.03 0.69
C VAL A 59 12.96 -6.66 1.23
N ALA A 60 12.67 -6.58 2.55
CA ALA A 60 12.35 -5.31 3.19
C ALA A 60 13.61 -4.45 3.11
N ALA A 61 13.45 -3.15 2.83
CA ALA A 61 14.60 -2.24 2.71
C ALA A 61 15.22 -1.79 4.05
N GLY A 62 15.85 -2.71 4.80
CA GLY A 62 16.46 -2.34 6.06
C GLY A 62 17.39 -3.37 6.69
N GLU A 63 16.84 -4.26 7.50
CA GLU A 63 17.58 -5.31 8.21
C GLU A 63 17.92 -6.54 7.36
N GLY A 64 18.56 -7.55 7.93
CA GLY A 64 18.94 -8.71 7.12
C GLY A 64 18.70 -10.12 7.59
N ILE A 65 17.47 -10.61 7.34
CA ILE A 65 17.03 -11.95 7.69
C ILE A 65 15.69 -12.21 6.99
N PRO A 66 14.82 -11.19 6.94
CA PRO A 66 13.51 -11.33 6.30
C PRO A 66 13.39 -11.44 4.77
N ILE A 67 14.45 -11.84 4.09
CA ILE A 67 14.36 -11.98 2.63
C ILE A 67 13.44 -13.17 2.28
N PHE A 68 12.67 -13.04 1.21
CA PHE A 68 11.76 -14.11 0.75
C PHE A 68 12.07 -14.51 -0.67
N GLU A 69 11.95 -15.78 -0.96
CA GLU A 69 12.25 -16.22 -2.29
C GLU A 69 11.25 -17.22 -2.86
N ASP A 70 11.01 -17.14 -4.16
CA ASP A 70 10.13 -18.09 -4.82
C ASP A 70 10.72 -18.37 -6.19
N PHE A 71 10.40 -19.51 -6.77
CA PHE A 71 10.93 -19.87 -8.09
C PHE A 71 9.81 -20.50 -8.91
N VAL A 72 9.60 -19.99 -10.12
CA VAL A 72 8.56 -20.53 -11.00
C VAL A 72 9.20 -21.10 -12.26
N ASP A 73 8.39 -21.82 -13.04
CA ASP A 73 8.84 -22.46 -14.27
C ASP A 73 8.88 -21.46 -15.44
N SER A 74 9.52 -21.84 -16.53
CA SER A 74 9.63 -20.96 -17.69
C SER A 74 8.28 -20.48 -18.25
N SER A 75 7.25 -21.30 -18.07
CA SER A 75 5.90 -20.99 -18.58
C SER A 75 5.09 -20.12 -17.61
N VAL A 76 5.75 -19.65 -16.54
CA VAL A 76 5.08 -18.84 -15.53
C VAL A 76 5.60 -17.41 -15.58
N GLY A 77 4.70 -16.43 -15.44
CA GLY A 77 5.12 -15.04 -15.49
C GLY A 77 4.64 -14.23 -14.30
N TYR A 78 4.35 -14.93 -13.20
CA TYR A 78 3.92 -14.25 -12.00
C TYR A 78 4.05 -15.14 -10.78
N TYR A 79 4.02 -14.53 -9.60
CA TYR A 79 4.14 -15.27 -8.37
C TYR A 79 3.68 -14.33 -7.23
N THR A 80 3.39 -14.89 -6.06
CA THR A 80 2.90 -14.09 -4.93
C THR A 80 3.65 -14.26 -3.63
N VAL A 81 3.55 -13.25 -2.77
CA VAL A 81 4.18 -13.27 -1.45
C VAL A 81 3.09 -12.77 -0.51
N THR A 82 2.95 -13.39 0.64
CA THR A 82 1.89 -13.00 1.55
C THR A 82 2.37 -12.27 2.78
N GLY A 83 1.38 -11.80 3.55
CA GLY A 83 1.63 -11.10 4.79
C GLY A 83 2.75 -10.09 4.80
N LEU A 84 2.70 -9.11 3.92
CA LEU A 84 3.76 -8.10 3.92
C LEU A 84 3.42 -7.04 4.96
N GLU A 85 4.44 -6.30 5.40
CA GLU A 85 4.26 -5.25 6.39
C GLU A 85 3.83 -3.92 5.73
N PRO A 86 2.66 -3.40 6.12
CA PRO A 86 2.11 -2.14 5.58
C PRO A 86 3.04 -0.94 5.86
N GLY A 87 3.31 -0.12 4.85
CA GLY A 87 4.15 1.04 5.05
C GLY A 87 5.65 0.82 4.98
N ILE A 88 6.10 -0.42 4.83
CA ILE A 88 7.54 -0.67 4.75
C ILE A 88 7.92 -0.93 3.30
N ASP A 89 9.06 -0.37 2.90
CA ASP A 89 9.53 -0.53 1.54
C ASP A 89 10.17 -1.90 1.29
N TYR A 90 9.82 -2.52 0.16
CA TYR A 90 10.36 -3.81 -0.25
C TYR A 90 10.97 -3.69 -1.65
N ASP A 91 12.10 -4.38 -1.87
CA ASP A 91 12.70 -4.39 -3.20
C ASP A 91 12.47 -5.79 -3.72
N ILE A 92 12.00 -5.87 -4.96
CA ILE A 92 11.72 -7.14 -5.60
C ILE A 92 12.65 -7.33 -6.79
N SER A 93 13.29 -8.49 -6.86
CA SER A 93 14.23 -8.80 -7.94
C SER A 93 13.82 -10.08 -8.67
N VAL A 94 13.78 -10.04 -9.99
CA VAL A 94 13.45 -11.24 -10.75
C VAL A 94 14.65 -11.62 -11.62
N TYR A 95 15.08 -12.87 -11.51
CA TYR A 95 16.21 -13.37 -12.29
C TYR A 95 15.74 -14.45 -13.28
N THR A 96 16.29 -14.45 -14.48
CA THR A 96 15.95 -15.47 -15.44
C THR A 96 16.93 -16.59 -15.15
N VAL A 97 16.40 -17.80 -14.99
CA VAL A 97 17.17 -18.99 -14.67
C VAL A 97 17.30 -19.98 -15.84
N LYS A 98 18.50 -20.50 -16.02
CA LYS A 98 18.78 -21.47 -17.08
C LYS A 98 19.78 -22.51 -16.59
N ASN A 99 19.27 -23.58 -15.99
CA ASN A 99 20.11 -24.65 -15.47
C ASN A 99 21.30 -24.13 -14.67
N GLY A 100 21.06 -23.61 -13.48
CA GLY A 100 22.19 -23.14 -12.68
C GLY A 100 22.91 -21.94 -13.25
N GLY A 101 22.23 -21.23 -14.15
CA GLY A 101 22.80 -20.03 -14.74
C GLY A 101 21.74 -18.98 -14.54
N GLU A 102 22.09 -17.80 -14.03
CA GLU A 102 21.11 -16.75 -13.84
C GLU A 102 21.56 -15.45 -14.49
N SER A 103 20.60 -14.68 -14.96
CA SER A 103 20.82 -13.39 -15.59
C SER A 103 20.96 -12.36 -14.49
N THR A 104 21.31 -11.13 -14.86
CA THR A 104 21.35 -10.06 -13.90
C THR A 104 19.86 -9.83 -13.73
N PRO A 105 19.40 -9.54 -12.51
CA PRO A 105 17.98 -9.30 -12.24
C PRO A 105 17.41 -7.95 -12.61
N THR A 106 16.08 -7.91 -12.75
CA THR A 106 15.38 -6.66 -12.98
C THR A 106 14.76 -6.46 -11.61
N THR A 107 14.60 -5.21 -11.19
CA THR A 107 14.03 -4.99 -9.87
C THR A 107 13.29 -3.70 -9.77
N LEU A 108 12.52 -3.60 -8.70
CA LEU A 108 11.74 -2.42 -8.42
C LEU A 108 11.29 -2.49 -6.99
N THR A 109 10.92 -1.34 -6.46
CA THR A 109 10.50 -1.20 -5.08
C THR A 109 9.00 -1.03 -4.93
N GLN A 110 8.50 -1.50 -3.80
CA GLN A 110 7.08 -1.48 -3.51
C GLN A 110 6.80 -1.20 -2.03
N GLN A 111 5.86 -0.30 -1.77
CA GLN A 111 5.49 -0.01 -0.39
C GLN A 111 4.02 -0.33 -0.22
N THR A 112 3.75 -1.51 0.32
CA THR A 112 2.37 -1.94 0.57
C THR A 112 1.65 -0.82 1.33
N ALA A 113 0.47 -0.44 0.86
CA ALA A 113 -0.31 0.61 1.49
C ALA A 113 -0.90 0.25 2.83
N VAL A 114 -1.04 1.26 3.69
CA VAL A 114 -1.70 1.02 4.97
C VAL A 114 -3.19 1.09 4.58
N PRO A 115 -4.00 0.08 4.96
CA PRO A 115 -5.43 0.04 4.64
C PRO A 115 -6.17 1.25 5.23
N PRO A 116 -6.89 2.02 4.38
CA PRO A 116 -7.64 3.19 4.87
C PRO A 116 -8.97 2.76 5.52
N PRO A 117 -9.66 3.68 6.19
CA PRO A 117 -10.94 3.23 6.76
C PRO A 117 -11.92 3.38 5.58
N THR A 118 -13.17 2.96 5.75
CA THR A 118 -14.12 3.07 4.65
C THR A 118 -15.47 3.61 5.09
N ASP A 119 -16.35 3.81 4.12
CA ASP A 119 -17.73 4.22 4.38
C ASP A 119 -17.93 5.36 5.39
N LEU A 120 -17.56 6.57 4.99
CA LEU A 120 -17.67 7.75 5.86
C LEU A 120 -19.13 8.25 5.91
N ARG A 121 -19.68 8.41 7.12
CA ARG A 121 -21.06 8.89 7.26
C ARG A 121 -21.17 10.11 8.16
N PHE A 122 -21.96 11.08 7.72
CA PHE A 122 -22.19 12.32 8.43
C PHE A 122 -23.59 12.37 9.07
N THR A 123 -23.67 12.95 10.27
CA THR A 123 -24.94 13.11 10.95
C THR A 123 -24.88 14.46 11.66
N ASN A 124 -25.55 15.46 11.09
CA ASN A 124 -25.59 16.80 11.66
C ASN A 124 -26.38 16.64 12.95
N ILE A 125 -25.72 16.87 14.09
CA ILE A 125 -26.37 16.74 15.39
C ILE A 125 -26.53 18.09 16.07
N GLY A 126 -26.28 19.15 15.31
CA GLY A 126 -26.41 20.49 15.85
C GLY A 126 -26.06 21.52 14.79
N PRO A 127 -26.43 22.79 15.01
CA PRO A 127 -26.14 23.86 14.05
C PRO A 127 -24.64 24.11 13.89
N ASP A 128 -23.86 23.61 14.83
CA ASP A 128 -22.42 23.79 14.78
C ASP A 128 -21.72 22.52 15.22
N THR A 129 -22.40 21.39 15.06
CA THR A 129 -21.83 20.13 15.46
C THR A 129 -22.22 19.01 14.51
N MET A 130 -21.26 18.17 14.18
CA MET A 130 -21.58 17.03 13.34
C MET A 130 -20.82 15.78 13.76
N ARG A 131 -21.51 14.66 13.72
CA ARG A 131 -20.92 13.39 14.08
C ARG A 131 -20.42 12.76 12.79
N VAL A 132 -19.22 12.20 12.85
CA VAL A 132 -18.58 11.55 11.73
C VAL A 132 -18.19 10.14 12.18
N THR A 133 -18.63 9.13 11.44
CA THR A 133 -18.30 7.75 11.75
C THR A 133 -17.72 7.07 10.51
N TRP A 134 -17.04 5.94 10.73
CA TRP A 134 -16.46 5.21 9.62
C TRP A 134 -16.25 3.77 10.01
N ALA A 135 -15.95 2.93 9.01
CA ALA A 135 -15.68 1.52 9.24
C ALA A 135 -14.18 1.35 9.20
N PRO A 136 -13.58 0.87 10.29
CA PRO A 136 -12.12 0.72 10.22
C PRO A 136 -11.66 -0.42 9.34
N PRO A 137 -10.35 -0.44 9.00
CA PRO A 137 -9.82 -1.52 8.16
C PRO A 137 -9.72 -2.74 9.06
N PRO A 138 -10.24 -3.89 8.61
CA PRO A 138 -10.13 -5.05 9.50
C PRO A 138 -8.72 -5.61 9.51
N SER A 139 -8.45 -6.47 10.50
CA SER A 139 -7.17 -7.14 10.64
C SER A 139 -5.86 -6.33 10.65
N ILE A 140 -5.87 -5.21 11.37
CA ILE A 140 -4.65 -4.42 11.51
C ILE A 140 -4.77 -3.61 12.78
N ASP A 141 -3.71 -3.63 13.59
CA ASP A 141 -3.72 -2.87 14.82
C ASP A 141 -3.10 -1.50 14.56
N LEU A 142 -3.94 -0.55 14.17
CA LEU A 142 -3.54 0.83 13.86
C LEU A 142 -2.95 1.56 15.06
N THR A 143 -2.22 2.64 14.80
CA THR A 143 -1.67 3.44 15.89
C THR A 143 -2.74 4.46 16.27
N ASN A 144 -3.44 4.94 15.26
CA ASN A 144 -4.48 5.93 15.46
C ASN A 144 -5.10 6.32 14.13
N PHE A 145 -6.21 7.07 14.21
CA PHE A 145 -6.83 7.60 13.03
C PHE A 145 -6.51 9.08 13.14
N LEU A 146 -6.19 9.71 12.03
CA LEU A 146 -5.90 11.14 12.06
C LEU A 146 -7.03 11.81 11.32
N VAL A 147 -7.78 12.67 12.01
CA VAL A 147 -8.89 13.34 11.33
C VAL A 147 -8.50 14.77 10.96
N ARG A 148 -8.75 15.12 9.70
CA ARG A 148 -8.45 16.46 9.19
C ARG A 148 -9.73 17.07 8.65
N TYR A 149 -10.00 18.32 9.02
CA TYR A 149 -11.19 18.99 8.52
C TYR A 149 -11.02 20.50 8.38
N SER A 150 -11.68 21.05 7.37
CA SER A 150 -11.63 22.47 7.12
C SER A 150 -12.76 22.87 6.23
N PRO A 151 -13.10 24.16 6.25
CA PRO A 151 -14.17 24.68 5.42
C PRO A 151 -13.78 24.43 3.97
N VAL A 152 -14.77 24.16 3.12
CA VAL A 152 -14.48 23.91 1.72
C VAL A 152 -13.92 25.14 1.00
N LYS A 153 -14.17 26.33 1.52
CA LYS A 153 -13.66 27.53 0.86
C LYS A 153 -12.26 27.93 1.35
N ASN A 154 -11.79 27.31 2.43
CA ASN A 154 -10.46 27.60 2.98
C ASN A 154 -9.80 26.32 3.54
N GLU A 155 -9.28 25.48 2.67
CA GLU A 155 -8.63 24.23 3.09
C GLU A 155 -7.38 24.47 3.97
N GLU A 156 -6.92 25.71 4.04
CA GLU A 156 -5.74 26.03 4.84
C GLU A 156 -6.09 26.27 6.31
N ASP A 157 -7.38 26.34 6.61
CA ASP A 157 -7.80 26.51 8.00
C ASP A 157 -8.10 25.12 8.57
N VAL A 158 -7.36 24.14 8.06
CA VAL A 158 -7.50 22.76 8.49
C VAL A 158 -7.29 22.57 10.00
N ALA A 159 -8.08 21.67 10.58
CA ALA A 159 -7.97 21.34 11.99
C ALA A 159 -7.70 19.84 12.02
N GLU A 160 -6.98 19.36 13.03
CA GLU A 160 -6.69 17.93 13.10
C GLU A 160 -7.07 17.33 14.42
N LEU A 161 -7.33 16.04 14.37
CA LEU A 161 -7.71 15.29 15.55
C LEU A 161 -7.11 13.88 15.46
N SER A 162 -6.48 13.41 16.56
CA SER A 162 -5.93 12.06 16.60
C SER A 162 -6.89 11.27 17.46
N ILE A 163 -7.50 10.28 16.83
CA ILE A 163 -8.51 9.43 17.42
C ILE A 163 -8.06 7.99 17.68
N SER A 164 -8.51 7.42 18.80
CA SER A 164 -8.13 6.06 19.16
C SER A 164 -8.40 5.07 18.04
N PRO A 165 -7.46 4.13 17.82
CA PRO A 165 -7.61 3.11 16.78
C PRO A 165 -8.83 2.22 17.06
N SER A 166 -9.31 2.25 18.29
CA SER A 166 -10.48 1.45 18.64
C SER A 166 -11.77 2.23 18.46
N ASP A 167 -11.63 3.52 18.15
CA ASP A 167 -12.75 4.42 17.94
C ASP A 167 -13.06 4.56 16.46
N ASN A 168 -14.33 4.44 16.09
CA ASN A 168 -14.73 4.57 14.69
C ASN A 168 -15.59 5.83 14.50
N ALA A 169 -15.56 6.74 15.46
CA ALA A 169 -16.34 7.96 15.35
C ALA A 169 -15.71 9.15 16.05
N VAL A 170 -16.18 10.34 15.71
CA VAL A 170 -15.69 11.56 16.31
C VAL A 170 -16.72 12.66 16.11
N VAL A 171 -16.90 13.49 17.12
CA VAL A 171 -17.84 14.61 17.03
C VAL A 171 -17.02 15.85 16.78
N LEU A 172 -17.34 16.59 15.73
CA LEU A 172 -16.64 17.82 15.45
C LEU A 172 -17.55 18.91 16.01
N THR A 173 -16.98 19.81 16.79
CA THR A 173 -17.75 20.90 17.39
C THR A 173 -17.19 22.27 17.05
N ASN A 174 -17.94 23.31 17.41
CA ASN A 174 -17.52 24.69 17.14
C ASN A 174 -17.38 24.98 15.66
N LEU A 175 -18.17 24.29 14.86
CA LEU A 175 -18.16 24.48 13.42
C LEU A 175 -18.99 25.76 13.17
N LEU A 176 -18.85 26.35 11.99
CA LEU A 176 -19.61 27.56 11.71
C LEU A 176 -20.93 27.21 11.04
N PRO A 177 -21.98 27.97 11.34
CA PRO A 177 -23.29 27.76 10.73
C PRO A 177 -23.21 27.99 9.21
N GLY A 178 -24.18 27.47 8.48
CA GLY A 178 -24.22 27.61 7.03
C GLY A 178 -22.90 27.46 6.30
N THR A 179 -22.07 26.51 6.74
CA THR A 179 -20.75 26.25 6.16
C THR A 179 -20.53 24.77 5.80
N GLU A 180 -19.92 24.56 4.65
CA GLU A 180 -19.63 23.22 4.16
C GLU A 180 -18.21 22.89 4.66
N TYR A 181 -18.00 21.65 5.10
CA TYR A 181 -16.70 21.21 5.57
C TYR A 181 -16.23 19.98 4.84
N VAL A 182 -14.92 19.91 4.67
CA VAL A 182 -14.27 18.77 4.05
C VAL A 182 -13.61 18.03 5.19
N VAL A 183 -13.99 16.76 5.33
CA VAL A 183 -13.49 15.88 6.38
C VAL A 183 -12.79 14.65 5.81
N SER A 184 -11.58 14.41 6.29
CA SER A 184 -10.82 13.25 5.84
C SER A 184 -10.39 12.45 7.06
N VAL A 185 -10.42 11.12 6.93
CA VAL A 185 -10.03 10.27 8.02
C VAL A 185 -8.95 9.34 7.48
N SER A 186 -7.82 9.28 8.20
CA SER A 186 -6.72 8.43 7.74
C SER A 186 -6.22 7.43 8.77
N SER A 187 -5.91 6.22 8.30
CA SER A 187 -5.36 5.22 9.18
C SER A 187 -3.90 5.61 9.34
N VAL A 188 -3.34 5.36 10.51
CA VAL A 188 -1.94 5.63 10.77
C VAL A 188 -1.32 4.42 11.48
N TYR A 189 -0.29 3.86 10.85
CA TYR A 189 0.39 2.70 11.36
C TYR A 189 1.87 3.03 11.32
N GLU A 190 2.46 3.16 12.51
CA GLU A 190 3.86 3.50 12.68
C GLU A 190 4.26 4.60 11.71
N GLN A 191 3.66 5.77 11.93
CA GLN A 191 3.93 6.97 11.13
C GLN A 191 3.39 6.97 9.71
N HIS A 192 3.02 5.81 9.19
CA HIS A 192 2.53 5.75 7.83
C HIS A 192 1.02 5.85 7.68
N GLU A 193 0.58 6.82 6.91
CA GLU A 193 -0.84 7.01 6.69
C GLU A 193 -1.37 6.31 5.46
N SER A 194 -2.64 5.94 5.53
CA SER A 194 -3.32 5.30 4.42
C SER A 194 -3.82 6.46 3.56
N THR A 195 -4.36 6.15 2.40
CA THR A 195 -4.90 7.22 1.59
C THR A 195 -6.05 7.74 2.45
N PRO A 196 -6.41 9.01 2.31
CA PRO A 196 -7.49 9.59 3.10
C PRO A 196 -8.89 9.14 2.68
N LEU A 197 -9.76 8.95 3.66
CA LEU A 197 -11.16 8.58 3.41
C LEU A 197 -11.79 9.95 3.50
N ARG A 198 -12.28 10.47 2.39
CA ARG A 198 -12.80 11.83 2.40
C ARG A 198 -14.27 12.03 2.06
N GLY A 199 -14.88 13.00 2.74
CA GLY A 199 -16.26 13.35 2.55
C GLY A 199 -16.45 14.83 2.85
N ARG A 200 -17.64 15.34 2.55
CA ARG A 200 -17.93 16.74 2.82
C ARG A 200 -19.40 16.89 3.13
N GLN A 201 -19.68 17.76 4.10
CA GLN A 201 -21.03 17.96 4.57
C GLN A 201 -21.20 19.41 4.99
N LYS A 202 -22.44 19.88 4.96
CA LYS A 202 -22.73 21.26 5.34
C LYS A 202 -23.46 21.32 6.68
N THR A 203 -23.00 22.18 7.59
CA THR A 203 -23.64 22.30 8.90
C THR A 203 -25.07 22.84 8.79
#